data_7Y9A
#
_entry.id   7Y9A
#
_cell.length_a   63.256
_cell.length_b   49.018
_cell.length_c   82.024
_cell.angle_alpha   90.000
_cell.angle_beta   104.663
_cell.angle_gamma   90.000
#
_symmetry.space_group_name_H-M   'I 1 2 1'
#
loop_
_entity.id
_entity.type
_entity.pdbx_description
1 polymer 'Down Syndrome Cell Adhesion Molecules'
2 branched beta-D-mannopyranose-(1-4)-2-acetamido-2-deoxy-beta-D-glucopyranose-(1-4)-[beta-L-fucopyranose-(1-3)][beta-L-fucopyranose-(1-6)]2-acetamido-2-deoxy-beta-D-glucopyranose
3 water water
#
_entity_poly.entity_id   1
_entity_poly.type   'polypeptide(L)'
_entity_poly.pdbx_seq_one_letter_code
;GSGELNVSPFVFRENVMVGEKVTATCTTVTEDAQISFKWFKNGKQINDNEHIKVLYYTDFSLLSINPVKADDSGNYTCVI
TAKEKSSKFTATLTVKASPEWLIQPENVESVMGSNISLQCSVTGIPTPTINWKKSETSSGTDFKSLSTSSNAIILPGGTL
NLLRIIKSDEGLYECQASNGIGNDLRKTVTISVFIP
;
_entity_poly.pdbx_strand_id   A
#
loop_
_chem_comp.id
_chem_comp.type
_chem_comp.name
_chem_comp.formula
BMA D-saccharide, beta linking beta-D-mannopyranose 'C6 H12 O6'
FUL L-saccharide, beta linking beta-L-fucopyranose 'C6 H12 O5'
NAG D-saccharide, beta linking 2-acetamido-2-deoxy-beta-D-glucopyranose 'C8 H15 N O6'
#
# COMPACT_ATOMS: atom_id res chain seq x y z
N GLY A 3 31.39 29.95 4.11
CA GLY A 3 30.49 31.08 3.76
C GLY A 3 29.47 30.73 2.69
N GLU A 4 28.96 29.50 2.76
CA GLU A 4 27.95 29.01 1.82
C GLU A 4 26.71 28.57 2.59
N LEU A 5 25.70 28.13 1.86
CA LEU A 5 24.42 27.77 2.43
C LEU A 5 24.00 26.38 1.95
N ASN A 6 23.89 25.43 2.87
CA ASN A 6 23.52 24.05 2.56
C ASN A 6 22.38 23.64 3.46
N VAL A 7 21.34 23.05 2.87
CA VAL A 7 20.24 22.47 3.63
C VAL A 7 20.69 21.14 4.20
N SER A 8 20.57 20.98 5.50
CA SER A 8 20.95 19.72 6.13
C SER A 8 20.04 18.59 5.64
N PRO A 9 20.59 17.46 5.20
CA PRO A 9 19.74 16.39 4.66
C PRO A 9 18.74 15.87 5.68
N PHE A 10 17.55 15.52 5.18
CA PHE A 10 16.51 14.91 5.99
C PHE A 10 15.96 13.70 5.26
N VAL A 11 15.51 12.70 6.02
CA VAL A 11 15.00 11.46 5.47
C VAL A 11 13.72 11.09 6.19
N PHE A 12 12.81 10.43 5.45
CA PHE A 12 11.65 9.80 6.06
C PHE A 12 11.99 8.37 6.44
N ARG A 13 11.36 7.88 7.51
CA ARG A 13 11.59 6.50 7.91
C ARG A 13 11.14 5.54 6.82
N GLU A 14 11.69 4.32 6.86
CA GLU A 14 11.48 3.37 5.77
C GLU A 14 10.01 2.99 5.65
N ASN A 15 9.46 2.36 6.67
CA ASN A 15 8.14 1.73 6.57
C ASN A 15 7.08 2.68 7.14
N VAL A 16 6.66 3.63 6.31
CA VAL A 16 5.55 4.52 6.62
C VAL A 16 4.28 3.89 6.07
N MET A 17 3.23 3.80 6.90
CA MET A 17 1.98 3.19 6.51
C MET A 17 0.82 4.15 6.77
N VAL A 18 -0.25 3.99 5.99
CA VAL A 18 -1.40 4.87 6.11
C VAL A 18 -1.90 4.89 7.54
N GLY A 19 -2.33 6.07 7.99
CA GLY A 19 -2.79 6.26 9.34
C GLY A 19 -1.72 6.72 10.31
N GLU A 20 -0.45 6.54 9.97
CA GLU A 20 0.64 6.95 10.85
C GLU A 20 0.93 8.43 10.67
N LYS A 21 1.92 8.91 11.42
CA LYS A 21 2.34 10.30 11.40
C LYS A 21 3.72 10.42 10.76
N VAL A 22 3.94 11.50 10.02
CA VAL A 22 5.22 11.74 9.35
C VAL A 22 5.67 13.17 9.60
N THR A 23 6.93 13.33 9.94
CA THR A 23 7.53 14.61 10.23
C THR A 23 8.69 14.79 9.27
N ALA A 24 9.12 16.04 9.11
CA ALA A 24 10.37 16.35 8.41
C ALA A 24 10.91 17.67 8.93
N THR A 25 12.22 17.70 9.21
CA THR A 25 12.85 18.86 9.83
C THR A 25 13.88 19.43 8.86
N CYS A 26 13.78 20.74 8.63
CA CYS A 26 14.66 21.45 7.71
C CYS A 26 15.48 22.46 8.50
N THR A 27 16.80 22.41 8.33
CA THR A 27 17.71 23.34 8.99
C THR A 27 18.96 23.46 8.12
N THR A 28 19.84 24.37 8.50
CA THR A 28 21.09 24.56 7.79
C THR A 28 22.19 23.69 8.39
N VAL A 29 23.23 23.46 7.60
CA VAL A 29 24.37 22.68 8.09
C VAL A 29 25.15 23.49 9.12
N THR A 30 25.48 24.73 8.81
CA THR A 30 26.15 25.65 9.73
C THR A 30 25.17 26.76 10.10
N GLU A 31 25.23 27.18 11.37
CA GLU A 31 24.30 28.18 11.87
C GLU A 31 24.43 29.45 11.06
N ASP A 32 23.30 29.98 10.60
CA ASP A 32 23.31 31.26 9.91
C ASP A 32 22.41 32.30 10.56
N ALA A 33 21.27 31.89 11.11
CA ALA A 33 20.41 32.77 11.92
C ALA A 33 19.80 33.91 11.11
N GLN A 34 19.81 33.81 9.78
CA GLN A 34 19.24 34.84 8.92
C GLN A 34 18.48 34.20 7.77
N ILE A 35 17.65 33.21 8.08
CA ILE A 35 17.05 32.34 7.07
C ILE A 35 15.53 32.33 7.19
N SER A 36 14.89 31.86 6.11
CA SER A 36 13.46 31.63 6.05
C SER A 36 13.22 30.33 5.31
N PHE A 37 12.04 29.75 5.50
CA PHE A 37 11.75 28.41 5.02
C PHE A 37 10.50 28.38 4.16
N LYS A 38 10.49 27.45 3.20
CA LYS A 38 9.31 27.15 2.40
C LYS A 38 9.37 25.68 2.01
N TRP A 39 8.23 25.00 2.11
CA TRP A 39 8.13 23.58 1.77
C TRP A 39 7.36 23.42 0.46
N PHE A 40 7.67 22.34 -0.27
CA PHE A 40 7.04 22.06 -1.55
C PHE A 40 6.84 20.56 -1.70
N LYS A 41 5.73 20.19 -2.34
CA LYS A 41 5.47 18.81 -2.72
C LYS A 41 5.41 18.74 -4.23
N ASN A 42 6.36 18.01 -4.83
CA ASN A 42 6.43 17.89 -6.30
C ASN A 42 6.50 19.27 -6.95
N GLY A 43 7.32 20.15 -6.37
CA GLY A 43 7.52 21.48 -6.91
C GLY A 43 6.42 22.47 -6.62
N LYS A 44 5.32 22.04 -6.05
CA LYS A 44 4.21 22.93 -5.70
C LYS A 44 4.23 23.20 -4.19
N GLN A 45 4.02 24.47 -3.84
CA GLN A 45 4.22 24.90 -2.46
C GLN A 45 3.17 24.31 -1.53
N ILE A 46 3.61 23.91 -0.34
CA ILE A 46 2.75 23.41 0.71
C ILE A 46 2.41 24.58 1.62
N ASN A 47 1.15 24.70 2.04
CA ASN A 47 0.73 25.76 2.95
C ASN A 47 -0.08 25.21 4.12
N ASP A 48 0.13 25.81 5.29
CA ASP A 48 -0.24 25.25 6.57
C ASP A 48 -1.74 25.20 6.80
N ASN A 49 -2.32 24.06 6.46
CA ASN A 49 -3.71 23.73 6.69
C ASN A 49 -3.88 22.31 6.18
N GLU A 50 -5.09 21.77 6.29
CA GLU A 50 -5.41 20.52 5.60
C GLU A 50 -4.59 19.31 6.01
N HIS A 51 -4.57 18.94 7.28
CA HIS A 51 -3.91 17.71 7.72
C HIS A 51 -2.42 17.72 7.38
N ILE A 52 -1.95 18.82 6.82
CA ILE A 52 -0.52 19.06 6.59
C ILE A 52 -0.21 20.42 7.23
N LYS A 53 0.61 20.41 8.27
CA LYS A 53 0.90 21.63 9.03
C LYS A 53 2.39 21.91 9.00
N VAL A 54 2.74 23.16 8.70
CA VAL A 54 4.13 23.60 8.59
C VAL A 54 4.40 24.53 9.75
N LEU A 55 5.40 24.19 10.57
CA LEU A 55 5.79 25.00 11.71
C LEU A 55 7.08 25.74 11.38
N TYR A 56 7.07 27.06 11.53
CA TYR A 56 8.21 27.91 11.24
C TYR A 56 8.82 28.40 12.55
N TYR A 57 10.14 28.31 12.66
CA TYR A 57 10.86 28.81 13.82
C TYR A 57 12.09 29.57 13.34
N THR A 58 12.90 30.03 14.29
CA THR A 58 14.03 30.88 13.94
C THR A 58 15.04 30.12 13.10
N ASP A 59 15.53 28.98 13.61
CA ASP A 59 16.60 28.25 12.96
C ASP A 59 16.16 26.92 12.36
N PHE A 60 14.87 26.62 12.36
CA PHE A 60 14.41 25.38 11.74
C PHE A 60 12.92 25.47 11.43
N SER A 61 12.49 24.58 10.55
CA SER A 61 11.09 24.43 10.17
C SER A 61 10.71 22.96 10.22
N LEU A 62 9.43 22.71 10.49
CA LEU A 62 8.92 21.34 10.61
C LEU A 62 7.73 21.15 9.71
N LEU A 63 7.78 20.11 8.87
CA LEU A 63 6.63 19.65 8.09
C LEU A 63 5.99 18.48 8.83
N SER A 64 4.66 18.52 8.94
CA SER A 64 3.92 17.53 9.71
C SER A 64 2.74 17.02 8.89
N ILE A 65 2.68 15.71 8.68
CA ILE A 65 1.59 15.07 7.96
C ILE A 65 0.98 14.03 8.89
N ASN A 66 -0.26 14.28 9.33
CA ASN A 66 -0.91 13.36 10.26
C ASN A 66 -2.42 13.50 10.23
N PRO A 67 -3.16 12.40 9.96
CA PRO A 67 -2.65 11.07 9.57
C PRO A 67 -2.30 11.03 8.09
N VAL A 68 -1.36 10.20 7.72
CA VAL A 68 -0.87 10.15 6.34
C VAL A 68 -1.77 9.23 5.52
N LYS A 69 -2.02 9.61 4.27
CA LYS A 69 -2.76 8.80 3.33
C LYS A 69 -1.86 8.40 2.17
N ALA A 70 -2.37 7.51 1.32
CA ALA A 70 -1.61 7.10 0.14
C ALA A 70 -1.36 8.28 -0.79
N ASP A 71 -2.23 9.30 -0.74
CA ASP A 71 -2.07 10.46 -1.60
C ASP A 71 -0.79 11.22 -1.28
N ASP A 72 -0.30 11.12 -0.05
CA ASP A 72 0.82 11.95 0.40
C ASP A 72 2.16 11.47 -0.12
N SER A 73 2.20 10.41 -0.93
CA SER A 73 3.45 10.00 -1.55
C SER A 73 3.94 11.04 -2.54
N GLY A 74 5.25 11.19 -2.63
CA GLY A 74 5.85 12.15 -3.54
C GLY A 74 7.13 12.71 -2.95
N ASN A 75 7.74 13.61 -3.72
CA ASN A 75 8.96 14.28 -3.30
C ASN A 75 8.61 15.54 -2.51
N TYR A 76 9.25 15.71 -1.36
CA TYR A 76 9.05 16.87 -0.51
C TYR A 76 10.36 17.65 -0.43
N THR A 77 10.28 18.94 -0.73
CA THR A 77 11.45 19.80 -0.84
C THR A 77 11.34 20.95 0.14
N CYS A 78 12.42 21.20 0.87
CA CYS A 78 12.56 22.41 1.67
C CYS A 78 13.54 23.36 0.99
N VAL A 79 13.20 24.63 0.95
CA VAL A 79 14.05 25.67 0.37
C VAL A 79 14.34 26.70 1.45
N ILE A 80 15.62 26.98 1.68
CA ILE A 80 16.07 27.95 2.67
C ILE A 80 16.61 29.16 1.94
N THR A 81 16.21 30.35 2.38
CA THR A 81 16.64 31.61 1.77
C THR A 81 17.37 32.43 2.84
N ALA A 82 18.62 32.81 2.55
CA ALA A 82 19.39 33.64 3.48
C ALA A 82 19.99 34.83 2.75
N LYS A 83 19.15 35.83 2.52
CA LYS A 83 19.51 37.21 2.20
C LYS A 83 20.24 37.39 0.89
N GLU A 84 20.87 36.35 0.37
CA GLU A 84 21.46 36.40 -0.96
C GLU A 84 21.35 35.09 -1.72
N LYS A 85 21.28 33.95 -1.04
CA LYS A 85 21.38 32.65 -1.66
C LYS A 85 20.24 31.78 -1.16
N SER A 86 19.83 30.85 -2.00
CA SER A 86 18.78 29.89 -1.67
C SER A 86 19.29 28.49 -1.97
N SER A 87 19.03 27.57 -1.05
CA SER A 87 19.41 26.17 -1.19
C SER A 87 18.21 25.30 -0.91
N LYS A 88 18.31 24.03 -1.31
CA LYS A 88 17.17 23.12 -1.21
C LYS A 88 17.66 21.73 -0.88
N PHE A 89 16.74 20.92 -0.35
CA PHE A 89 16.93 19.49 -0.20
C PHE A 89 15.60 18.80 -0.44
N THR A 90 15.64 17.65 -1.12
CA THR A 90 14.44 16.92 -1.48
C THR A 90 14.57 15.48 -1.02
N ALA A 91 13.52 14.96 -0.39
CA ALA A 91 13.44 13.55 0.01
C ALA A 91 12.10 12.99 -0.45
N THR A 92 12.12 11.71 -0.80
CA THR A 92 10.94 11.05 -1.36
C THR A 92 10.22 10.28 -0.26
N LEU A 93 8.91 10.49 -0.17
CA LEU A 93 8.05 9.79 0.79
C LEU A 93 7.15 8.82 0.03
N THR A 94 7.13 7.56 0.46
CA THR A 94 6.30 6.52 -0.15
C THR A 94 5.43 5.92 0.95
N VAL A 95 4.14 6.22 0.90
CA VAL A 95 3.19 5.70 1.89
C VAL A 95 2.75 4.31 1.45
N LYS A 96 2.80 3.36 2.38
CA LYS A 96 2.46 1.97 2.12
C LYS A 96 1.19 1.58 2.87
N ALA A 97 0.61 0.45 2.48
CA ALA A 97 -0.65 0.02 3.06
C ALA A 97 -0.78 -1.49 2.93
N SER A 98 -1.29 -2.13 3.99
CA SER A 98 -1.55 -3.55 3.96
C SER A 98 -2.80 -3.84 3.13
N PRO A 99 -2.99 -5.09 2.71
CA PRO A 99 -4.15 -5.41 1.86
C PRO A 99 -5.48 -5.09 2.54
N GLU A 100 -6.41 -4.58 1.74
CA GLU A 100 -7.78 -4.35 2.16
C GLU A 100 -8.73 -5.00 1.16
N TRP A 101 -9.84 -5.51 1.66
CA TRP A 101 -10.75 -6.26 0.80
C TRP A 101 -11.48 -5.35 -0.18
N LEU A 102 -11.59 -5.80 -1.42
CA LEU A 102 -12.40 -5.14 -2.44
C LEU A 102 -13.52 -6.03 -2.91
N ILE A 103 -13.23 -7.27 -3.29
CA ILE A 103 -14.26 -8.26 -3.57
C ILE A 103 -13.88 -9.57 -2.88
N GLN A 104 -14.53 -9.87 -1.77
CA GLN A 104 -14.26 -11.13 -1.08
C GLN A 104 -14.79 -12.30 -1.92
N PRO A 105 -14.13 -13.46 -1.85
CA PRO A 105 -14.72 -14.67 -2.45
C PRO A 105 -15.97 -15.10 -1.71
N GLU A 106 -16.73 -15.99 -2.35
CA GLU A 106 -18.01 -16.42 -1.81
C GLU A 106 -18.19 -17.92 -2.02
N ASN A 107 -19.03 -18.51 -1.19
CA ASN A 107 -19.47 -19.89 -1.42
C ASN A 107 -20.32 -19.96 -2.67
N VAL A 108 -20.03 -20.94 -3.52
CA VAL A 108 -20.72 -21.07 -4.80
C VAL A 108 -21.28 -22.48 -4.94
N GLU A 109 -22.40 -22.58 -5.67
CA GLU A 109 -23.02 -23.86 -6.00
C GLU A 109 -23.40 -23.79 -7.48
N SER A 110 -22.61 -24.44 -8.34
CA SER A 110 -22.80 -24.36 -9.78
C SER A 110 -22.88 -25.75 -10.37
N VAL A 111 -23.31 -25.81 -11.63
CA VAL A 111 -23.63 -27.05 -12.31
C VAL A 111 -22.37 -27.67 -12.89
N MET A 112 -22.36 -28.99 -13.02
CA MET A 112 -21.22 -29.70 -13.59
C MET A 112 -20.97 -29.27 -15.03
N GLY A 113 -19.70 -29.16 -15.41
CA GLY A 113 -19.34 -28.78 -16.75
C GLY A 113 -19.29 -27.29 -17.00
N SER A 114 -19.64 -26.48 -16.01
CA SER A 114 -19.64 -25.03 -16.18
C SER A 114 -18.30 -24.45 -15.79
N ASN A 115 -17.98 -23.29 -16.38
CA ASN A 115 -16.84 -22.50 -15.97
C ASN A 115 -17.29 -21.47 -14.95
N ILE A 116 -16.58 -21.38 -13.83
CA ILE A 116 -16.93 -20.42 -12.78
C ILE A 116 -15.70 -19.59 -12.43
N SER A 117 -15.96 -18.39 -11.93
CA SER A 117 -14.92 -17.46 -11.50
C SER A 117 -15.10 -17.14 -10.03
N LEU A 118 -13.99 -17.15 -9.29
CA LEU A 118 -13.99 -16.82 -7.87
C LEU A 118 -13.17 -15.55 -7.67
N GLN A 119 -13.84 -14.46 -7.32
CA GLN A 119 -13.18 -13.16 -7.22
C GLN A 119 -12.50 -13.03 -5.87
N CYS A 120 -11.21 -12.71 -5.88
CA CYS A 120 -10.47 -12.33 -4.67
C CYS A 120 -9.58 -11.14 -5.06
N SER A 121 -10.12 -9.93 -4.96
CA SER A 121 -9.43 -8.70 -5.35
C SER A 121 -9.27 -7.83 -4.11
N VAL A 122 -8.08 -7.28 -3.93
CA VAL A 122 -7.75 -6.45 -2.78
C VAL A 122 -7.10 -5.17 -3.29
N THR A 123 -6.80 -4.28 -2.34
CA THR A 123 -6.10 -3.03 -2.63
C THR A 123 -4.99 -2.85 -1.59
N GLY A 124 -3.87 -2.28 -2.02
CA GLY A 124 -2.77 -2.06 -1.11
C GLY A 124 -1.58 -1.52 -1.86
N ILE A 125 -0.60 -1.04 -1.09
CA ILE A 125 0.64 -0.51 -1.66
C ILE A 125 1.83 -1.12 -0.92
N PRO A 126 2.69 -1.91 -1.58
CA PRO A 126 2.59 -2.26 -3.01
C PRO A 126 1.37 -3.14 -3.31
N THR A 127 0.97 -3.20 -4.57
CA THR A 127 -0.21 -3.98 -4.94
C THR A 127 -0.01 -5.45 -4.54
N PRO A 128 -0.93 -6.04 -3.79
CA PRO A 128 -0.65 -7.36 -3.21
C PRO A 128 -0.72 -8.47 -4.24
N THR A 129 -0.08 -9.58 -3.89
CA THR A 129 -0.14 -10.81 -4.66
C THR A 129 -1.26 -11.69 -4.13
N ILE A 130 -1.98 -12.35 -5.03
CA ILE A 130 -3.05 -13.27 -4.68
C ILE A 130 -2.65 -14.66 -5.18
N ASN A 131 -2.75 -15.65 -4.28
CA ASN A 131 -2.61 -17.05 -4.66
C ASN A 131 -3.75 -17.85 -4.05
N TRP A 132 -4.13 -18.93 -4.73
CA TRP A 132 -5.25 -19.76 -4.33
C TRP A 132 -4.75 -21.14 -3.92
N LYS A 133 -5.43 -21.72 -2.92
CA LYS A 133 -5.12 -23.06 -2.45
C LYS A 133 -6.43 -23.80 -2.22
N LYS A 134 -6.35 -25.13 -2.33
CA LYS A 134 -7.51 -26.00 -2.15
C LYS A 134 -7.28 -26.94 -0.98
N SER A 135 -8.36 -27.25 -0.27
CA SER A 135 -8.24 -28.16 0.87
C SER A 135 -7.85 -29.56 0.42
N GLU A 136 -8.61 -30.14 -0.51
CA GLU A 136 -8.43 -31.53 -0.92
C GLU A 136 -8.64 -32.50 0.25
N THR A 137 -9.23 -32.00 1.33
CA THR A 137 -9.64 -32.81 2.47
C THR A 137 -10.71 -31.99 3.16
N SER A 138 -11.92 -32.51 3.31
CA SER A 138 -12.98 -31.65 3.81
C SER A 138 -12.85 -31.33 5.30
N SER A 139 -12.05 -32.07 6.10
CA SER A 139 -11.76 -31.58 7.45
C SER A 139 -11.22 -30.15 7.36
N GLY A 140 -10.46 -29.87 6.29
CA GLY A 140 -10.10 -28.49 5.96
C GLY A 140 -8.92 -27.93 6.72
N THR A 141 -7.98 -28.79 7.11
CA THR A 141 -6.75 -28.40 7.77
C THR A 141 -5.58 -28.27 6.81
N ASP A 142 -5.47 -29.17 5.83
CA ASP A 142 -4.40 -29.15 4.86
C ASP A 142 -4.81 -28.34 3.65
N PHE A 143 -3.86 -27.59 3.10
CA PHE A 143 -4.08 -26.75 1.93
C PHE A 143 -2.90 -26.91 0.99
N LYS A 144 -3.19 -27.06 -0.31
CA LYS A 144 -2.17 -27.25 -1.32
C LYS A 144 -2.39 -26.29 -2.47
N SER A 145 -1.35 -26.09 -3.27
CA SER A 145 -1.43 -25.22 -4.43
C SER A 145 -2.22 -25.91 -5.54
N LEU A 146 -2.40 -25.20 -6.65
CA LEU A 146 -3.29 -25.62 -7.73
C LEU A 146 -2.52 -25.71 -9.04
N SER A 147 -2.47 -26.91 -9.61
CA SER A 147 -1.87 -27.12 -10.92
C SER A 147 -2.23 -28.51 -11.43
N SER A 150 -4.71 -28.40 -13.95
CA SER A 150 -5.15 -28.52 -15.33
C SER A 150 -6.23 -27.49 -15.65
N ASN A 151 -7.40 -27.64 -15.02
CA ASN A 151 -8.53 -26.77 -15.30
C ASN A 151 -8.62 -25.59 -14.34
N ALA A 152 -7.52 -25.25 -13.67
CA ALA A 152 -7.49 -24.15 -12.71
C ALA A 152 -6.53 -23.09 -13.22
N ILE A 153 -7.07 -21.94 -13.59
CA ILE A 153 -6.28 -20.80 -14.05
C ILE A 153 -6.52 -19.63 -13.11
N ILE A 154 -5.44 -19.08 -12.56
CA ILE A 154 -5.51 -17.86 -11.76
C ILE A 154 -5.28 -16.69 -12.70
N LEU A 155 -6.29 -15.84 -12.87
CA LEU A 155 -6.14 -14.66 -13.71
C LEU A 155 -5.36 -13.56 -12.95
N PRO A 156 -4.62 -12.73 -13.69
CA PRO A 156 -3.65 -11.83 -13.01
C PRO A 156 -4.22 -10.99 -11.88
N GLY A 157 -5.52 -10.70 -11.91
CA GLY A 157 -6.13 -9.90 -10.89
C GLY A 157 -6.55 -10.65 -9.65
N GLY A 158 -6.13 -11.90 -9.48
CA GLY A 158 -6.50 -12.67 -8.33
C GLY A 158 -7.79 -13.45 -8.45
N THR A 159 -8.31 -13.62 -9.65
CA THR A 159 -9.53 -14.38 -9.88
C THR A 159 -9.16 -15.80 -10.28
N LEU A 160 -9.78 -16.78 -9.64
CA LEU A 160 -9.55 -18.19 -9.93
C LEU A 160 -10.66 -18.69 -10.84
N ASN A 161 -10.29 -19.11 -12.04
CA ASN A 161 -11.23 -19.67 -13.01
C ASN A 161 -11.11 -21.18 -13.00
N LEU A 162 -12.20 -21.87 -12.66
CA LEU A 162 -12.26 -23.32 -12.67
C LEU A 162 -13.14 -23.76 -13.83
N LEU A 163 -12.55 -24.50 -14.77
CA LEU A 163 -13.20 -24.84 -16.02
C LEU A 163 -13.77 -26.24 -15.97
N ARG A 164 -14.97 -26.39 -16.53
CA ARG A 164 -15.63 -27.69 -16.66
C ARG A 164 -15.61 -28.45 -15.32
N ILE A 165 -16.26 -27.85 -14.32
CA ILE A 165 -16.17 -28.37 -12.96
C ILE A 165 -16.88 -29.72 -12.86
N ILE A 166 -16.35 -30.59 -12.00
CA ILE A 166 -16.93 -31.89 -11.71
C ILE A 166 -16.89 -32.09 -10.18
N LYS A 167 -17.32 -33.26 -9.73
CA LYS A 167 -17.41 -33.52 -8.30
C LYS A 167 -16.06 -33.38 -7.61
N SER A 168 -14.97 -33.74 -8.29
CA SER A 168 -13.65 -33.64 -7.67
C SER A 168 -13.27 -32.19 -7.38
N ASP A 169 -13.83 -31.25 -8.15
CA ASP A 169 -13.53 -29.84 -7.93
C ASP A 169 -14.18 -29.27 -6.68
N GLU A 170 -15.10 -30.00 -6.06
CA GLU A 170 -15.66 -29.57 -4.80
C GLU A 170 -14.58 -29.54 -3.71
N GLY A 171 -14.80 -28.71 -2.71
CA GLY A 171 -13.89 -28.63 -1.60
C GLY A 171 -13.82 -27.22 -1.04
N LEU A 172 -12.80 -27.00 -0.22
CA LEU A 172 -12.56 -25.72 0.42
C LEU A 172 -11.42 -25.01 -0.31
N TYR A 173 -11.67 -23.81 -0.79
CA TYR A 173 -10.67 -22.99 -1.48
C TYR A 173 -10.37 -21.75 -0.65
N GLU A 174 -9.08 -21.37 -0.62
CA GLU A 174 -8.64 -20.20 0.13
C GLU A 174 -7.77 -19.33 -0.76
N CYS A 175 -8.09 -18.04 -0.81
CA CYS A 175 -7.25 -17.04 -1.49
C CYS A 175 -6.48 -16.25 -0.44
N GLN A 176 -5.21 -16.00 -0.72
CA GLN A 176 -4.33 -15.26 0.18
C GLN A 176 -3.87 -13.99 -0.51
N ALA A 177 -3.93 -12.88 0.22
CA ALA A 177 -3.49 -11.58 -0.29
C ALA A 177 -2.38 -11.05 0.61
N SER A 178 -1.25 -10.72 0.01
CA SER A 178 -0.10 -10.23 0.77
C SER A 178 0.76 -9.33 -0.11
N ASN A 179 1.27 -8.24 0.48
CA ASN A 179 2.22 -7.37 -0.17
C ASN A 179 3.43 -7.11 0.70
N GLY A 180 3.65 -7.93 1.72
CA GLY A 180 4.75 -7.74 2.64
C GLY A 180 4.54 -6.66 3.67
N ILE A 181 3.35 -6.07 3.73
CA ILE A 181 3.05 -4.98 4.64
C ILE A 181 1.90 -5.40 5.55
N GLY A 182 2.04 -5.11 6.84
CA GLY A 182 0.97 -5.40 7.77
C GLY A 182 0.65 -6.88 7.82
N ASN A 183 -0.64 -7.19 7.84
CA ASN A 183 -1.12 -8.56 7.90
C ASN A 183 -1.73 -8.97 6.56
N ASP A 184 -1.62 -10.26 6.25
CA ASP A 184 -2.22 -10.81 5.06
C ASP A 184 -3.72 -10.96 5.24
N LEU A 185 -4.45 -10.87 4.12
CA LEU A 185 -5.88 -11.14 4.10
C LEU A 185 -6.09 -12.56 3.60
N ARG A 186 -6.94 -13.30 4.29
CA ARG A 186 -7.25 -14.68 3.92
C ARG A 186 -8.74 -14.90 4.04
N LYS A 187 -9.27 -15.78 3.20
CA LYS A 187 -10.70 -16.09 3.26
C LYS A 187 -10.99 -17.40 2.54
N THR A 188 -11.67 -18.33 3.20
CA THR A 188 -11.96 -19.65 2.67
C THR A 188 -13.43 -19.76 2.32
N VAL A 189 -13.71 -20.39 1.17
CA VAL A 189 -15.07 -20.57 0.68
C VAL A 189 -15.20 -22.02 0.24
N THR A 190 -16.44 -22.49 0.20
CA THR A 190 -16.76 -23.84 -0.22
C THR A 190 -17.42 -23.84 -1.60
N ILE A 191 -17.05 -24.81 -2.43
CA ILE A 191 -17.59 -24.96 -3.78
C ILE A 191 -18.39 -26.26 -3.82
N SER A 192 -19.66 -26.17 -4.20
CA SER A 192 -20.52 -27.32 -4.40
C SER A 192 -20.86 -27.44 -5.88
N VAL A 193 -20.86 -28.67 -6.39
CA VAL A 193 -21.19 -28.94 -7.77
C VAL A 193 -22.36 -29.92 -7.79
N PHE A 194 -23.34 -29.65 -8.64
CA PHE A 194 -24.56 -30.45 -8.69
C PHE A 194 -24.93 -30.76 -10.13
N ILE A 195 -25.69 -31.84 -10.30
CA ILE A 195 -26.22 -32.25 -11.60
C ILE A 195 -27.58 -31.58 -11.76
N PRO A 196 -27.89 -30.98 -12.92
CA PRO A 196 -29.16 -30.27 -13.06
C PRO A 196 -30.35 -31.19 -13.34
C1 NAG B . -14.70 -22.79 -20.53
C2 NAG B . -15.59 -22.31 -21.65
C3 NAG B . -15.14 -22.89 -23.01
C4 NAG B . -13.69 -22.53 -23.25
C5 NAG B . -12.81 -22.92 -22.04
C6 NAG B . -11.37 -22.45 -22.20
C7 NAG B . -17.66 -23.66 -21.32
C8 NAG B . -16.82 -24.89 -21.48
N2 NAG B . -17.02 -22.49 -21.41
O3 NAG B . -16.02 -22.34 -23.98
O4 NAG B . -13.18 -23.22 -24.38
O5 NAG B . -13.33 -22.40 -20.81
O6 NAG B . -10.92 -21.41 -21.34
O7 NAG B . -18.87 -23.72 -21.13
H2 NAG B . -15.46 -21.34 -21.71
H3 NAG B . -15.20 -23.87 -23.05
H4 NAG B . -13.64 -21.56 -23.38
H5 NAG B . -12.83 -23.89 -21.95
H61 NAG B . -11.26 -22.14 -23.11
H62 NAG B . -10.80 -23.22 -22.05
H81 NAG B . -17.36 -25.68 -21.33
H82 NAG B . -16.09 -24.87 -20.83
H83 NAG B . -16.44 -24.91 -22.39
HN2 NAG B . -17.52 -21.74 -21.31
C1 NAG B . -12.29 -22.42 -25.19
C2 NAG B . -11.15 -23.25 -25.79
C3 NAG B . -10.24 -22.37 -26.65
C4 NAG B . -11.05 -21.63 -27.69
C5 NAG B . -12.15 -20.82 -27.01
C6 NAG B . -13.07 -20.12 -27.97
C7 NAG B . -9.47 -24.86 -25.00
C8 NAG B . -8.78 -25.44 -23.79
N2 NAG B . -10.39 -23.91 -24.74
O3 NAG B . -9.24 -23.17 -27.28
O4 NAG B . -10.21 -20.77 -28.46
O5 NAG B . -12.97 -21.71 -26.23
O6 NAG B . -14.37 -19.95 -27.42
O7 NAG B . -9.20 -25.22 -26.14
H2 NAG B . -11.54 -23.94 -26.37
H3 NAG B . -9.79 -21.74 -26.07
H4 NAG B . -11.46 -22.26 -28.30
H5 NAG B . -11.74 -20.16 -26.42
H61 NAG B . -13.15 -20.65 -28.78
H62 NAG B . -12.70 -19.24 -28.19
H81 NAG B . -8.13 -26.10 -24.08
H82 NAG B . -9.44 -25.86 -23.21
H83 NAG B . -8.33 -24.73 -23.30
HN2 NAG B . -10.54 -23.68 -23.88
HO3 NAG B . -9.49 -24.02 -27.29
HO6 NAG B . -14.47 -20.48 -26.71
C1 BMA B . -10.10 -21.36 -29.77
C2 BMA B . -10.06 -20.29 -30.87
C3 BMA B . -8.93 -20.34 -31.88
C4 BMA B . -8.02 -21.55 -31.78
C5 BMA B . -8.79 -22.73 -31.24
C6 BMA B . -8.01 -23.99 -31.22
O2 BMA B . -10.03 -18.94 -30.27
O3 BMA B . -8.16 -19.08 -31.88
O4 BMA B . -7.48 -21.83 -33.04
O5 BMA B . -9.12 -22.35 -29.90
O6 BMA B . -7.03 -23.95 -30.27
H2 BMA B . -10.96 -20.51 -31.47
H3 BMA B . -9.38 -20.43 -32.88
H4 BMA B . -7.22 -21.33 -31.06
H5 BMA B . -9.69 -22.95 -31.85
H61 BMA B . -7.58 -24.14 -32.21
H62 BMA B . -8.71 -24.81 -31.01
HO2 BMA B . -9.32 -18.45 -30.72
HO3 BMA B . -7.47 -19.20 -32.56
HO4 BMA B . -6.62 -22.25 -32.85
HO6 BMA B . -7.36 -23.44 -29.53
C1 FUL B . -16.05 -22.81 -25.35
C2 FUL B . -17.42 -22.59 -26.01
O2 FUL B . -18.08 -21.40 -25.59
C3 FUL B . -17.14 -22.54 -27.53
O3 FUL B . -18.35 -22.42 -28.30
C4 FUL B . -16.30 -23.76 -27.96
O4 FUL B . -17.19 -24.87 -28.00
C5 FUL B . -15.13 -23.96 -27.00
C6 FUL B . -14.22 -25.12 -27.40
O5 FUL B . -15.59 -24.12 -25.66
H2 FUL B . -18.10 -23.40 -25.73
HO2 FUL B . -18.96 -21.36 -25.98
H3 FUL B . -16.56 -21.62 -27.74
HO3 FUL B . -18.59 -23.30 -28.63
H4 FUL B . -15.86 -23.61 -28.97
HO4 FUL B . -17.05 -25.42 -27.21
H5 FUL B . -14.52 -23.05 -27.06
H61 FUL B . -13.45 -25.22 -26.68
H62 FUL B . -13.80 -24.93 -28.35
H63 FUL B . -14.79 -26.01 -27.43
C1 FUL B . -11.63 -20.18 -21.56
C2 FUL B . -10.99 -19.06 -22.41
O2 FUL B . -10.50 -19.48 -23.69
C3 FUL B . -12.16 -18.04 -22.61
O3 FUL B . -11.72 -16.87 -23.32
C4 FUL B . -12.88 -17.65 -21.31
O4 FUL B . -12.02 -16.76 -20.60
C5 FUL B . -13.21 -18.88 -20.49
C6 FUL B . -13.78 -18.62 -19.11
O5 FUL B . -12.00 -19.61 -20.32
H2 FUL B . -10.10 -18.67 -21.90
HO2 FUL B . -10.05 -18.73 -24.12
H3 FUL B . -12.89 -18.58 -23.24
HO3 FUL B . -11.76 -16.11 -22.72
H4 FUL B . -13.84 -17.15 -21.51
HO4 FUL B . -11.52 -17.25 -19.94
H5 FUL B . -13.98 -19.43 -21.04
H61 FUL B . -13.88 -19.54 -18.59
H62 FUL B . -14.72 -18.14 -19.20
H63 FUL B . -13.12 -17.99 -18.57
C1 NAG C . 11.27 12.55 -7.29
C2 NAG C . 10.49 12.65 -8.60
C3 NAG C . 10.97 11.60 -9.61
C4 NAG C . 12.49 11.67 -9.77
C5 NAG C . 13.13 11.54 -8.40
C6 NAG C . 14.63 11.68 -8.43
C7 NAG C . 8.22 13.57 -8.44
C8 NAG C . 6.77 13.27 -8.15
N2 NAG C . 9.06 12.53 -8.37
O3 NAG C . 10.28 11.83 -10.84
O4 NAG C . 12.93 10.62 -10.63
O5 NAG C . 12.65 12.60 -7.55
O6 NAG C . 15.03 12.73 -7.55
O7 NAG C . 8.61 14.71 -8.70
H2 NAG C . 10.67 13.53 -8.99
H3 NAG C . 10.77 10.70 -9.30
H4 NAG C . 12.76 12.52 -10.18
H5 NAG C . 12.89 10.67 -8.03
H61 NAG C . 14.93 11.88 -9.33
H62 NAG C . 15.04 10.84 -8.14
H81 NAG C . 6.24 14.10 -8.22
H82 NAG C . 6.68 12.91 -7.25
H83 NAG C . 6.44 12.62 -8.80
HN2 NAG C . 8.72 11.71 -8.18
C1 NAG C . 13.53 11.21 -11.80
C2 NAG C . 14.37 10.20 -12.56
C3 NAG C . 15.12 10.90 -13.69
C4 NAG C . 14.15 11.69 -14.55
C5 NAG C . 13.25 12.59 -13.72
C6 NAG C . 12.16 13.23 -14.54
C7 NAG C . 14.92 8.55 -10.84
C8 NAG C . 16.01 7.95 -9.99
N2 NAG C . 15.30 9.53 -11.68
O3 NAG C . 15.81 9.94 -14.47
O4 NAG C . 14.89 12.51 -15.45
O5 NAG C . 12.60 11.83 -12.69
O6 NAG C . 12.34 14.63 -14.69
O7 NAG C . 13.75 8.19 -10.75
H2 NAG C . 13.77 9.54 -12.95
H3 NAG C . 15.78 11.51 -13.29
H4 NAG C . 13.59 11.05 -15.05
H5 NAG C . 13.79 13.29 -13.30
H61 NAG C . 11.29 13.07 -14.10
H62 NAG C . 12.13 12.82 -15.42
H81 NAG C . 15.63 7.26 -9.42
H82 NAG C . 16.41 8.65 -9.45
H83 NAG C . 16.68 7.56 -10.57
HN2 NAG C . 16.17 9.77 -11.70
HO3 NAG C . 15.80 10.18 -15.33
HO6 NAG C . 11.67 14.99 -15.14
C1 BMA C . 14.57 12.25 -16.84
C2 BMA C . 14.80 13.57 -17.63
C3 BMA C . 14.85 13.34 -19.14
C4 BMA C . 15.67 12.09 -19.52
C5 BMA C . 15.12 10.88 -18.74
C6 BMA C . 15.81 9.61 -19.08
O2 BMA C . 16.03 14.19 -17.25
O3 BMA C . 15.34 14.51 -19.82
O4 BMA C . 15.62 11.88 -20.89
O5 BMA C . 15.31 11.16 -17.35
O6 BMA C . 17.17 9.72 -18.89
H2 BMA C . 13.94 14.23 -17.41
H3 BMA C . 13.83 13.17 -19.52
H4 BMA C . 16.71 12.25 -19.20
H5 BMA C . 14.05 10.75 -18.97
H61 BMA C . 15.58 9.37 -20.13
H62 BMA C . 15.39 8.82 -18.44
HO2 BMA C . 16.39 14.57 -18.06
HO3 BMA C . 15.72 14.14 -20.65
HO4 BMA C . 16.43 11.34 -21.07
HO6 BMA C . 17.30 10.21 -18.08
C1 FUL C . 9.96 10.63 -11.55
C2 FUL C . 8.79 10.83 -12.51
O2 FUL C . 8.90 12.07 -13.21
C3 FUL C . 8.85 9.65 -13.49
O3 FUL C . 7.73 9.65 -14.38
C4 FUL C . 8.91 8.32 -12.73
O4 FUL C . 7.62 8.10 -12.14
C5 FUL C . 9.97 8.33 -11.62
C6 FUL C . 9.98 7.03 -10.83
O5 FUL C . 9.74 9.45 -10.77
H2 FUL C . 7.83 10.86 -11.98
HO2 FUL C . 9.34 12.72 -12.64
H3 FUL C . 9.76 9.76 -14.10
HO3 FUL C . 6.97 9.21 -13.96
H4 FUL C . 9.18 7.50 -13.42
HO4 FUL C . 7.67 8.20 -11.19
H5 FUL C . 10.96 8.42 -12.09
H61 FUL C . 10.71 7.09 -10.06
H62 FUL C . 10.22 6.22 -11.47
H63 FUL C . 9.02 6.87 -10.40
C1 FUL C . 15.56 13.76 -8.38
C2 FUL C . 16.46 14.82 -7.75
O2 FUL C . 17.30 14.26 -6.75
C3 FUL C . 17.27 15.33 -8.96
O3 FUL C . 18.12 16.42 -8.61
C4 FUL C . 16.35 15.73 -10.13
O4 FUL C . 15.71 16.95 -9.77
C5 FUL C . 15.28 14.68 -10.45
C6 FUL C . 14.29 15.15 -11.52
O5 FUL C . 14.59 14.34 -9.25
H2 FUL C . 15.92 15.62 -7.22
HO2 FUL C . 16.89 13.46 -6.39
H3 FUL C . 17.89 14.48 -9.28
HO3 FUL C . 17.65 17.25 -8.74
H4 FUL C . 16.98 15.82 -11.03
HO4 FUL C . 14.78 16.78 -9.59
H5 FUL C . 15.78 13.80 -10.86
H61 FUL C . 13.50 14.45 -11.60
H62 FUL C . 14.78 15.24 -12.45
H63 FUL C . 13.89 16.09 -11.24
#